data_4TU7
#
_entry.id   4TU7
#
_cell.length_a   164.432
_cell.length_b   37.361
_cell.length_c   100.192
_cell.angle_alpha   90.000
_cell.angle_beta   125.600
_cell.angle_gamma   90.000
#
_symmetry.space_group_name_H-M   'C 1 2 1'
#
loop_
_entity.id
_entity.type
_entity.pdbx_description
1 polymer 'Splicing factor U2AF 65 kDa subunit'
2 polymer "DNA (5'-D(*UP*UP*UP*UP*(BRU)P*UP*U)-3')"
3 non-polymer '1,4-DIETHYLENE DIOXIDE'
4 non-polymer 'SULFATE ION'
5 non-polymer GLYCEROL
6 non-polymer N,N-BIS(3-D-GLUCONAMIDOPROPYL)DEOXYCHOLAMIDE
7 water water
#
loop_
_entity_poly.entity_id
_entity_poly.type
_entity_poly.pdbx_seq_one_letter_code
_entity_poly.pdbx_strand_id
1 'polypeptide(L)'
;GPLGSARRLYVGNIPFGITEEAMMDFFNAQMRLGGLTQAPGNPVLAVQINQDKNFAFLEFRSVDETTQAMAFDGIIFQGQ
SLKIRRPHVYQPLPGAHKLFIGGLPNYLNDDQVKELLTSFGPLKAFNLVKDSATGLSKGYAFCEYVDINVTDQAIAGLNG
MQLGDKKLLVQRAS
;
A,B
2 'polydeoxyribonucleotide' (DU)(DU)(DU)(DU)(BRU)(DU)(DU) P,E
#
# COMPACT_ATOMS: atom_id res chain seq x y z
N GLY A 1 -19.12 10.21 -8.96
CA GLY A 1 -20.22 11.02 -8.45
C GLY A 1 -21.28 11.27 -9.51
N PRO A 2 -22.18 12.24 -9.27
CA PRO A 2 -22.31 13.02 -8.02
C PRO A 2 -22.69 12.14 -6.82
N LEU A 3 -23.38 11.03 -7.06
CA LEU A 3 -23.72 10.09 -5.98
C LEU A 3 -22.96 8.76 -6.12
N GLY A 4 -22.03 8.70 -7.06
CA GLY A 4 -21.32 7.47 -7.32
C GLY A 4 -20.32 7.12 -6.23
N SER A 5 -19.98 5.83 -6.15
CA SER A 5 -18.97 5.28 -5.24
C SER A 5 -18.99 5.83 -3.82
N ALA A 6 -20.16 5.83 -3.20
CA ALA A 6 -20.27 6.33 -1.84
C ALA A 6 -20.07 5.23 -0.79
N ARG A 7 -19.80 4.01 -1.22
CA ARG A 7 -19.63 2.88 -0.30
C ARG A 7 -18.32 2.13 -0.51
N ARG A 8 -17.34 2.80 -1.12
CA ARG A 8 -16.03 2.20 -1.32
C ARG A 8 -14.95 3.12 -0.76
N LEU A 9 -13.87 2.50 -0.25
CA LEU A 9 -12.68 3.24 0.17
C LEU A 9 -11.40 2.64 -0.43
N TYR A 10 -10.45 3.51 -0.74
CA TYR A 10 -9.12 3.09 -1.14
C TYR A 10 -8.28 2.78 0.10
N VAL A 11 -7.56 1.66 0.08
CA VAL A 11 -6.64 1.33 1.17
C VAL A 11 -5.27 1.10 0.58
N GLY A 12 -4.33 2.00 0.89
CA GLY A 12 -2.96 1.86 0.42
C GLY A 12 -2.02 1.33 1.50
N ASN A 13 -0.86 0.86 1.06
CA ASN A 13 0.20 0.37 1.93
C ASN A 13 -0.18 -0.88 2.71
N ILE A 14 -0.94 -1.75 2.07
CA ILE A 14 -1.39 -2.97 2.73
C ILE A 14 -0.18 -3.90 2.95
N PRO A 15 -0.25 -4.77 3.97
CA PRO A 15 0.82 -5.73 4.24
C PRO A 15 1.06 -6.71 3.10
N PHE A 16 2.32 -6.97 2.77
CA PHE A 16 2.64 -7.88 1.70
C PHE A 16 2.02 -9.28 1.92
N GLY A 17 1.45 -9.84 0.86
CA GLY A 17 0.87 -11.17 0.91
C GLY A 17 -0.45 -11.33 1.63
N ILE A 18 -1.04 -10.24 2.11
CA ILE A 18 -2.30 -10.34 2.86
C ILE A 18 -3.46 -10.79 1.95
N THR A 19 -4.36 -11.62 2.47
CA THR A 19 -5.51 -12.04 1.67
C THR A 19 -6.69 -11.10 1.87
N GLU A 20 -7.63 -11.14 0.93
CA GLU A 20 -8.83 -10.32 1.00
C GLU A 20 -9.65 -10.67 2.24
N GLU A 21 -9.72 -11.95 2.57
CA GLU A 21 -10.45 -12.38 3.76
C GLU A 21 -9.82 -11.87 5.06
N ALA A 22 -8.50 -11.82 5.12
CA ALA A 22 -7.85 -11.36 6.35
C ALA A 22 -8.06 -9.85 6.54
N MET A 23 -8.07 -9.14 5.43
CA MET A 23 -8.22 -7.70 5.51
C MET A 23 -9.64 -7.37 5.94
N MET A 24 -10.58 -8.18 5.44
CA MET A 24 -11.98 -7.97 5.71
C MET A 24 -12.25 -8.21 7.18
N ASP A 25 -11.70 -9.31 7.70
CA ASP A 25 -11.83 -9.64 9.11
C ASP A 25 -11.23 -8.54 10.00
N PHE A 26 -10.06 -8.04 9.61
CA PHE A 26 -9.41 -6.96 10.36
C PHE A 26 -10.30 -5.72 10.44
N PHE A 27 -10.81 -5.28 9.30
CA PHE A 27 -11.61 -4.04 9.29
C PHE A 27 -12.94 -4.24 9.99
N ASN A 28 -13.59 -5.38 9.75
CA ASN A 28 -14.82 -5.68 10.46
C ASN A 28 -14.60 -5.71 11.97
N ALA A 29 -13.48 -6.29 12.41
CA ALA A 29 -13.15 -6.30 13.83
C ALA A 29 -12.89 -4.88 14.39
N GLN A 30 -12.15 -4.07 13.64
CA GLN A 30 -11.85 -2.71 14.06
C GLN A 30 -13.11 -1.83 14.11
N MET A 31 -13.96 -1.96 13.10
CA MET A 31 -15.25 -1.27 13.09
C MET A 31 -16.00 -1.56 14.40
N ARG A 32 -15.95 -2.82 14.82
CA ARG A 32 -16.64 -3.25 16.04
C ARG A 32 -15.91 -2.77 17.30
N LEU A 33 -14.59 -2.95 17.36
CA LEU A 33 -13.84 -2.53 18.55
C LEU A 33 -13.83 -1.01 18.71
N GLY A 34 -13.88 -0.31 17.59
CA GLY A 34 -13.77 1.13 17.58
C GLY A 34 -15.09 1.85 17.80
N GLY A 35 -16.17 1.08 17.90
CA GLY A 35 -17.50 1.62 18.08
C GLY A 35 -18.01 2.41 16.88
N LEU A 36 -17.67 1.94 15.68
CA LEU A 36 -18.04 2.64 14.46
C LEU A 36 -19.17 1.94 13.69
N THR A 37 -19.42 0.67 13.99
CA THR A 37 -20.54 -0.05 13.41
CA THR A 37 -20.55 -0.05 13.40
C THR A 37 -21.86 0.59 13.82
N GLN A 38 -22.83 0.62 12.92
CA GLN A 38 -24.11 1.23 13.24
C GLN A 38 -25.29 0.25 13.28
N ALA A 39 -25.00 -1.05 13.13
CA ALA A 39 -26.04 -2.08 13.18
C ALA A 39 -25.41 -3.46 13.35
N PRO A 40 -26.20 -4.45 13.81
CA PRO A 40 -25.72 -5.84 13.81
C PRO A 40 -25.21 -6.26 12.43
N GLY A 41 -24.18 -7.10 12.38
CA GLY A 41 -23.64 -7.59 11.12
C GLY A 41 -22.34 -6.93 10.75
N ASN A 42 -21.71 -7.40 9.68
CA ASN A 42 -20.44 -6.84 9.23
C ASN A 42 -20.66 -5.61 8.36
N PRO A 43 -19.96 -4.51 8.65
CA PRO A 43 -19.98 -3.33 7.78
C PRO A 43 -19.24 -3.55 6.46
N VAL A 44 -18.16 -4.31 6.48
CA VAL A 44 -17.41 -4.52 5.26
C VAL A 44 -17.91 -5.79 4.54
N LEU A 45 -18.38 -5.61 3.32
CA LEU A 45 -18.96 -6.69 2.50
C LEU A 45 -17.93 -7.44 1.70
N ALA A 46 -16.97 -6.71 1.14
CA ALA A 46 -15.96 -7.30 0.27
C ALA A 46 -14.69 -6.47 0.26
N VAL A 47 -13.60 -7.12 -0.16
CA VAL A 47 -12.31 -6.46 -0.35
C VAL A 47 -11.73 -6.92 -1.68
N GLN A 48 -11.32 -5.96 -2.50
CA GLN A 48 -10.65 -6.29 -3.76
C GLN A 48 -9.20 -5.82 -3.65
N ILE A 49 -8.27 -6.76 -3.82
CA ILE A 49 -6.86 -6.44 -3.70
C ILE A 49 -6.16 -6.44 -5.05
N ASN A 50 -5.44 -5.36 -5.33
CA ASN A 50 -4.42 -5.37 -6.37
C ASN A 50 -3.07 -5.69 -5.73
N GLN A 51 -2.62 -6.93 -5.90
CA GLN A 51 -1.43 -7.39 -5.21
C GLN A 51 -0.19 -6.78 -5.86
N ASP A 52 -0.24 -6.66 -7.19
CA ASP A 52 0.83 -5.99 -7.94
C ASP A 52 1.15 -4.59 -7.43
N LYS A 53 0.13 -3.77 -7.20
CA LYS A 53 0.35 -2.37 -6.86
C LYS A 53 0.07 -2.11 -5.39
N ASN A 54 -0.08 -3.18 -4.62
CA ASN A 54 -0.20 -3.07 -3.18
C ASN A 54 -1.33 -2.14 -2.68
N PHE A 55 -2.52 -2.26 -3.25
CA PHE A 55 -3.66 -1.54 -2.68
C PHE A 55 -4.93 -2.38 -2.70
N ALA A 56 -5.92 -1.93 -1.93
CA ALA A 56 -7.22 -2.56 -1.92
C ALA A 56 -8.33 -1.54 -1.99
N PHE A 57 -9.51 -2.04 -2.34
CA PHE A 57 -10.75 -1.29 -2.20
C PHE A 57 -11.63 -2.07 -1.26
N LEU A 58 -12.19 -1.36 -0.28
CA LEU A 58 -13.14 -1.92 0.64
C LEU A 58 -14.52 -1.59 0.12
N GLU A 59 -15.43 -2.55 0.15
CA GLU A 59 -16.83 -2.26 -0.14
C GLU A 59 -17.64 -2.38 1.15
N PHE A 60 -18.38 -1.33 1.48
CA PHE A 60 -19.20 -1.28 2.68
C PHE A 60 -20.69 -1.51 2.38
N ARG A 61 -21.43 -2.01 3.36
CA ARG A 61 -22.86 -2.24 3.21
C ARG A 61 -23.67 -0.95 3.22
N SER A 62 -23.11 0.13 3.78
CA SER A 62 -23.87 1.38 3.93
C SER A 62 -23.02 2.61 3.71
N VAL A 63 -23.69 3.71 3.35
CA VAL A 63 -23.00 4.96 3.08
C VAL A 63 -22.34 5.54 4.32
N ASP A 64 -23.06 5.56 5.45
CA ASP A 64 -22.58 6.21 6.64
C ASP A 64 -21.40 5.47 7.26
N GLU A 65 -21.42 4.15 7.23
CA GLU A 65 -20.29 3.38 7.78
C GLU A 65 -19.01 3.55 6.95
N THR A 66 -19.15 3.74 5.62
CA THR A 66 -18.00 4.09 4.78
C THR A 66 -17.34 5.39 5.26
N THR A 67 -18.17 6.38 5.56
CA THR A 67 -17.70 7.66 6.07
C THR A 67 -16.99 7.53 7.43
N GLN A 68 -17.58 6.76 8.33
CA GLN A 68 -16.98 6.51 9.63
C GLN A 68 -15.59 5.89 9.50
N ALA A 69 -15.41 4.95 8.57
CA ALA A 69 -14.16 4.19 8.43
C ALA A 69 -12.97 5.04 7.98
N MET A 70 -13.23 6.21 7.42
CA MET A 70 -12.17 7.18 7.10
C MET A 70 -11.27 7.48 8.33
N ALA A 71 -11.86 7.40 9.52
CA ALA A 71 -11.15 7.58 10.80
C ALA A 71 -10.02 6.57 11.05
N PHE A 72 -9.99 5.49 10.29
CA PHE A 72 -8.94 4.48 10.44
C PHE A 72 -7.64 4.85 9.72
N ASP A 73 -7.63 5.98 9.01
CA ASP A 73 -6.44 6.39 8.28
C ASP A 73 -5.20 6.33 9.19
N GLY A 74 -4.19 5.58 8.77
CA GLY A 74 -2.96 5.47 9.52
C GLY A 74 -2.91 4.29 10.47
N ILE A 75 -4.02 3.57 10.63
CA ILE A 75 -4.02 2.42 11.52
C ILE A 75 -2.91 1.43 11.14
N ILE A 76 -2.26 0.85 12.13
CA ILE A 76 -1.21 -0.12 11.87
C ILE A 76 -1.80 -1.51 11.68
N PHE A 77 -1.43 -2.15 10.59
CA PHE A 77 -1.87 -3.50 10.28
C PHE A 77 -0.64 -4.32 9.87
N GLN A 78 -0.31 -5.33 10.67
CA GLN A 78 0.90 -6.14 10.48
C GLN A 78 2.13 -5.31 10.13
N GLY A 79 2.41 -4.28 10.92
CA GLY A 79 3.59 -3.46 10.72
C GLY A 79 3.38 -2.26 9.80
N GLN A 80 2.29 -2.28 9.06
CA GLN A 80 2.08 -1.27 8.03
C GLN A 80 1.05 -0.22 8.44
N SER A 81 1.40 1.06 8.27
CA SER A 81 0.44 2.12 8.49
C SER A 81 -0.43 2.27 7.23
N LEU A 82 -1.71 1.96 7.35
CA LEU A 82 -2.62 1.96 6.19
C LEU A 82 -3.00 3.37 5.73
N LYS A 83 -3.01 3.57 4.42
CA LYS A 83 -3.45 4.84 3.86
C LYS A 83 -4.88 4.73 3.38
N ILE A 84 -5.78 5.40 4.08
CA ILE A 84 -7.21 5.28 3.80
C ILE A 84 -7.72 6.53 3.11
N ARG A 85 -8.34 6.36 1.94
CA ARG A 85 -8.81 7.50 1.15
C ARG A 85 -10.14 7.24 0.43
N ARG A 86 -10.81 8.31 0.06
CA ARG A 86 -11.97 8.21 -0.82
C ARG A 86 -11.50 7.73 -2.19
N PRO A 87 -12.40 7.03 -2.92
CA PRO A 87 -12.11 6.74 -4.32
C PRO A 87 -11.90 8.03 -5.11
N HIS A 88 -11.03 7.96 -6.11
N HIS A 88 -11.05 8.00 -6.11
CA HIS A 88 -10.71 9.10 -6.97
CA HIS A 88 -10.74 9.22 -6.86
C HIS A 88 -11.96 9.77 -7.54
C HIS A 88 -11.97 9.79 -7.59
N VAL A 89 -12.89 8.96 -8.05
CA VAL A 89 -14.10 9.50 -8.71
C VAL A 89 -15.15 9.97 -7.71
N TYR A 90 -14.94 9.73 -6.42
CA TYR A 90 -15.87 10.24 -5.42
C TYR A 90 -15.75 11.76 -5.37
N GLN A 91 -16.90 12.43 -5.31
CA GLN A 91 -16.91 13.89 -5.24
CA GLN A 91 -16.91 13.89 -5.24
C GLN A 91 -17.99 14.38 -4.29
N PRO A 92 -17.62 15.30 -3.38
CA PRO A 92 -18.60 15.91 -2.48
C PRO A 92 -19.59 16.73 -3.29
N LEU A 93 -20.76 17.01 -2.75
CA LEU A 93 -21.73 17.81 -3.47
C LEU A 93 -21.16 19.23 -3.64
N PRO A 94 -21.54 19.90 -4.74
CA PRO A 94 -20.98 21.23 -5.04
C PRO A 94 -21.23 22.23 -3.91
N GLY A 95 -20.19 22.97 -3.52
CA GLY A 95 -20.29 23.96 -2.44
C GLY A 95 -20.13 23.44 -1.02
N ALA A 96 -20.03 22.12 -0.86
CA ALA A 96 -19.95 21.49 0.46
C ALA A 96 -18.86 22.11 1.35
N HIS A 97 -17.75 22.52 0.74
CA HIS A 97 -16.63 23.04 1.51
C HIS A 97 -16.19 24.43 1.03
N LYS A 98 -17.13 25.24 0.59
CA LYS A 98 -16.84 26.58 0.13
C LYS A 98 -16.22 27.39 1.27
N LEU A 99 -15.20 28.18 0.97
CA LEU A 99 -14.61 29.04 1.98
C LEU A 99 -14.94 30.51 1.78
N PHE A 100 -15.13 31.22 2.87
CA PHE A 100 -15.19 32.67 2.87
C PHE A 100 -13.82 33.23 3.28
N ILE A 101 -13.34 34.21 2.53
CA ILE A 101 -12.11 34.91 2.90
C ILE A 101 -12.37 36.40 3.02
N GLY A 102 -12.29 36.93 4.23
CA GLY A 102 -12.50 38.34 4.46
C GLY A 102 -11.26 39.01 5.03
N GLY A 103 -11.28 40.34 5.05
CA GLY A 103 -10.15 41.11 5.52
C GLY A 103 -9.02 41.31 4.50
N LEU A 104 -9.33 41.24 3.22
CA LEU A 104 -8.31 41.42 2.18
C LEU A 104 -8.12 42.89 1.84
N PRO A 105 -6.87 43.28 1.51
CA PRO A 105 -6.60 44.61 0.97
C PRO A 105 -7.38 44.80 -0.31
N ASN A 106 -8.10 45.91 -0.48
CA ASN A 106 -9.00 46.01 -1.62
C ASN A 106 -8.32 46.41 -2.92
N TYR A 107 -7.01 46.70 -2.88
CA TYR A 107 -6.29 47.07 -4.10
C TYR A 107 -5.71 45.85 -4.84
N LEU A 108 -5.77 44.68 -4.20
CA LEU A 108 -5.31 43.44 -4.84
C LEU A 108 -6.33 42.87 -5.82
N ASN A 109 -5.85 42.33 -6.93
CA ASN A 109 -6.76 41.75 -7.92
C ASN A 109 -6.93 40.26 -7.72
N ASP A 110 -7.69 39.64 -8.62
CA ASP A 110 -8.03 38.22 -8.56
C ASP A 110 -6.79 37.35 -8.44
N ASP A 111 -5.83 37.54 -9.36
CA ASP A 111 -4.67 36.65 -9.40
C ASP A 111 -3.80 36.82 -8.15
N GLN A 112 -3.71 38.06 -7.69
CA GLN A 112 -2.92 38.36 -6.52
C GLN A 112 -3.50 37.69 -5.29
N VAL A 113 -4.84 37.63 -5.24
CA VAL A 113 -5.51 36.99 -4.11
C VAL A 113 -5.43 35.47 -4.25
N LYS A 114 -5.61 34.97 -5.47
CA LYS A 114 -5.54 33.54 -5.73
C LYS A 114 -4.20 32.96 -5.30
N GLU A 115 -3.15 33.75 -5.42
CA GLU A 115 -1.80 33.25 -5.17
C GLU A 115 -1.66 32.80 -3.73
N LEU A 116 -2.22 33.56 -2.80
CA LEU A 116 -2.21 33.17 -1.40
C LEU A 116 -2.95 31.84 -1.17
N LEU A 117 -4.02 31.62 -1.91
CA LEU A 117 -4.86 30.44 -1.72
C LEU A 117 -4.26 29.20 -2.36
N THR A 118 -3.72 29.34 -3.56
CA THR A 118 -3.24 28.18 -4.30
C THR A 118 -1.93 27.61 -3.72
N SER A 119 -1.28 28.35 -2.82
CA SER A 119 -0.11 27.78 -2.12
C SER A 119 -0.47 26.54 -1.30
N PHE A 120 -1.75 26.37 -0.97
CA PHE A 120 -2.21 25.17 -0.25
C PHE A 120 -2.64 24.03 -1.19
N GLY A 121 -2.91 24.35 -2.45
CA GLY A 121 -3.43 23.35 -3.37
C GLY A 121 -4.26 24.00 -4.45
N PRO A 122 -4.55 23.26 -5.53
CA PRO A 122 -5.33 23.82 -6.66
C PRO A 122 -6.79 24.13 -6.28
N LEU A 123 -7.37 25.13 -6.95
CA LEU A 123 -8.74 25.55 -6.68
C LEU A 123 -9.69 25.08 -7.78
N LYS A 124 -10.86 24.55 -7.42
CA LYS A 124 -11.84 24.30 -8.46
C LYS A 124 -12.80 25.49 -8.62
N ALA A 125 -12.83 26.40 -7.64
CA ALA A 125 -13.72 27.56 -7.71
C ALA A 125 -13.15 28.75 -6.96
N PHE A 126 -13.31 29.94 -7.53
CA PHE A 126 -12.86 31.18 -6.88
C PHE A 126 -13.59 32.41 -7.44
N ASN A 127 -13.99 33.30 -6.55
CA ASN A 127 -14.44 34.61 -7.01
C ASN A 127 -14.18 35.66 -5.95
N LEU A 128 -13.54 36.74 -6.39
CA LEU A 128 -13.31 37.93 -5.58
C LEU A 128 -14.46 38.91 -5.83
N VAL A 129 -15.17 39.28 -4.78
CA VAL A 129 -16.34 40.14 -4.96
C VAL A 129 -15.86 41.56 -5.25
N LYS A 130 -16.36 42.12 -6.35
CA LYS A 130 -15.96 43.42 -6.84
C LYS A 130 -17.16 44.35 -6.98
N ASP A 131 -16.91 45.64 -6.78
CA ASP A 131 -17.94 46.64 -7.07
C ASP A 131 -18.25 46.63 -8.56
N SER A 132 -19.40 46.05 -8.90
CA SER A 132 -19.73 45.72 -10.28
C SER A 132 -19.59 46.87 -11.28
N ALA A 133 -20.04 48.07 -10.89
CA ALA A 133 -19.98 49.22 -11.77
C ALA A 133 -18.52 49.66 -11.97
N THR A 134 -17.80 49.83 -10.86
CA THR A 134 -16.44 50.33 -10.93
C THR A 134 -15.45 49.20 -11.24
N GLY A 135 -15.74 48.00 -10.73
CA GLY A 135 -14.85 46.86 -10.89
C GLY A 135 -13.84 46.70 -9.76
N LEU A 136 -14.03 47.46 -8.68
CA LEU A 136 -13.05 47.51 -7.58
C LEU A 136 -13.44 46.56 -6.44
N SER A 137 -12.48 46.16 -5.60
CA SER A 137 -12.70 45.01 -4.73
C SER A 137 -13.31 45.38 -3.39
N LYS A 138 -14.23 44.52 -2.94
CA LYS A 138 -14.92 44.69 -1.65
C LYS A 138 -14.15 44.04 -0.51
N GLY A 139 -13.03 43.41 -0.86
CA GLY A 139 -12.12 42.93 0.15
C GLY A 139 -12.47 41.58 0.71
N TYR A 140 -13.36 40.86 0.03
CA TYR A 140 -13.62 39.47 0.41
C TYR A 140 -13.85 38.62 -0.82
N ALA A 141 -13.70 37.32 -0.63
CA ALA A 141 -13.71 36.37 -1.72
C ALA A 141 -14.26 35.02 -1.25
N PHE A 142 -14.59 34.17 -2.21
CA PHE A 142 -15.00 32.79 -1.92
C PHE A 142 -14.14 31.81 -2.73
N CYS A 143 -13.92 30.61 -2.20
CA CYS A 143 -13.18 29.66 -2.99
C CYS A 143 -13.49 28.25 -2.56
N GLU A 144 -12.95 27.32 -3.31
CA GLU A 144 -13.23 25.90 -3.13
C GLU A 144 -12.04 25.10 -3.66
N TYR A 145 -11.42 24.29 -2.80
CA TYR A 145 -10.26 23.52 -3.24
C TYR A 145 -10.66 22.24 -3.98
N VAL A 146 -9.88 21.89 -5.02
CA VAL A 146 -10.01 20.61 -5.70
C VAL A 146 -9.99 19.45 -4.70
N ASP A 147 -9.03 19.49 -3.79
CA ASP A 147 -8.93 18.50 -2.73
C ASP A 147 -9.56 19.08 -1.46
N ILE A 148 -10.59 18.42 -0.96
CA ILE A 148 -11.36 18.97 0.16
C ILE A 148 -10.61 18.86 1.49
N ASN A 149 -9.61 18.00 1.53
CA ASN A 149 -8.79 17.86 2.72
C ASN A 149 -7.88 19.07 2.94
N VAL A 150 -7.61 19.79 1.87
CA VAL A 150 -6.82 21.01 1.93
C VAL A 150 -7.58 22.13 2.66
N THR A 151 -8.91 22.07 2.62
CA THR A 151 -9.77 23.07 3.25
C THR A 151 -9.36 23.42 4.67
N ASP A 152 -9.23 22.42 5.53
CA ASP A 152 -8.83 22.64 6.91
C ASP A 152 -7.40 23.18 7.02
N GLN A 153 -6.55 22.80 6.09
CA GLN A 153 -5.16 23.28 6.10
C GLN A 153 -5.10 24.77 5.78
N ALA A 154 -5.86 25.18 4.76
CA ALA A 154 -5.93 26.58 4.38
C ALA A 154 -6.50 27.43 5.52
N ILE A 155 -7.52 26.92 6.18
CA ILE A 155 -8.10 27.60 7.34
C ILE A 155 -7.09 27.73 8.48
N ALA A 156 -6.48 26.59 8.85
CA ALA A 156 -5.43 26.56 9.86
C ALA A 156 -4.30 27.53 9.51
N GLY A 157 -3.90 27.55 8.24
CA GLY A 157 -2.80 28.37 7.80
C GLY A 157 -3.09 29.86 7.60
N LEU A 158 -4.34 30.21 7.31
CA LEU A 158 -4.64 31.59 6.97
C LEU A 158 -5.57 32.33 7.94
N ASN A 159 -6.41 31.60 8.66
CA ASN A 159 -7.38 32.25 9.55
C ASN A 159 -6.71 32.96 10.72
N GLY A 160 -7.14 34.18 10.96
CA GLY A 160 -6.63 34.97 12.08
C GLY A 160 -5.24 35.50 11.83
N MET A 161 -4.72 35.31 10.62
CA MET A 161 -3.34 35.67 10.34
C MET A 161 -3.21 37.13 9.93
N GLN A 162 -2.06 37.73 10.21
CA GLN A 162 -1.87 39.13 9.88
C GLN A 162 -1.62 39.26 8.38
N LEU A 163 -2.28 40.22 7.75
CA LEU A 163 -2.05 40.53 6.34
C LEU A 163 -2.16 42.03 6.18
N GLY A 164 -1.02 42.71 6.18
CA GLY A 164 -1.02 44.15 6.29
C GLY A 164 -1.57 44.51 7.65
N ASP A 165 -2.40 45.55 7.70
CA ASP A 165 -2.99 45.99 8.96
C ASP A 165 -4.14 45.06 9.38
N LYS A 166 -4.72 44.36 8.41
CA LYS A 166 -5.90 43.53 8.65
C LYS A 166 -5.57 42.16 9.24
N LYS A 167 -6.51 41.62 10.01
CA LYS A 167 -6.47 40.21 10.36
C LYS A 167 -7.36 39.47 9.36
N LEU A 168 -6.84 38.41 8.76
CA LEU A 168 -7.66 37.62 7.84
C LEU A 168 -8.68 36.77 8.55
N LEU A 169 -9.86 36.67 7.95
CA LEU A 169 -10.84 35.69 8.36
C LEU A 169 -10.96 34.65 7.26
N VAL A 170 -10.78 33.38 7.61
CA VAL A 170 -10.99 32.32 6.65
C VAL A 170 -11.85 31.27 7.30
N GLN A 171 -13.02 31.00 6.72
CA GLN A 171 -13.93 30.04 7.32
C GLN A 171 -14.83 29.42 6.31
N ARG A 172 -15.41 28.27 6.65
CA ARG A 172 -16.40 27.66 5.78
C ARG A 172 -17.56 28.64 5.59
N ALA A 173 -17.96 28.86 4.35
CA ALA A 173 -18.91 29.92 3.99
C ALA A 173 -20.34 29.65 4.48
N SER A 174 -20.66 28.38 4.70
CA SER A 174 -21.94 28.09 5.31
C SER A 174 -21.70 27.42 6.66
N GLY B 1 10.19 -18.58 -5.63
CA GLY B 1 10.35 -17.13 -5.68
C GLY B 1 10.78 -16.55 -4.33
N PRO B 2 10.17 -15.42 -3.93
CA PRO B 2 10.36 -14.85 -2.59
C PRO B 2 9.50 -15.56 -1.57
N LEU B 3 8.21 -15.72 -1.90
CA LEU B 3 7.30 -16.48 -1.08
C LEU B 3 7.18 -17.86 -1.68
N GLY B 4 8.03 -18.12 -2.66
CA GLY B 4 8.34 -19.49 -3.04
C GLY B 4 9.19 -20.01 -1.91
N SER B 5 9.98 -19.11 -1.32
CA SER B 5 10.88 -19.46 -0.22
C SER B 5 10.16 -19.59 1.11
N ALA B 6 8.93 -19.07 1.16
CA ALA B 6 8.13 -19.19 2.37
C ALA B 6 7.34 -20.49 2.36
N ARG B 7 7.52 -21.28 1.30
CA ARG B 7 6.85 -22.56 1.20
C ARG B 7 7.86 -23.71 1.03
N ARG B 8 9.11 -23.48 1.42
CA ARG B 8 10.12 -24.54 1.37
C ARG B 8 10.73 -24.79 2.75
N LEU B 9 11.23 -26.01 2.96
CA LEU B 9 12.00 -26.31 4.16
C LEU B 9 13.21 -27.17 3.79
N TYR B 10 14.30 -26.93 4.50
CA TYR B 10 15.50 -27.73 4.37
C TYR B 10 15.36 -28.97 5.26
N VAL B 11 15.76 -30.12 4.73
CA VAL B 11 15.79 -31.34 5.53
C VAL B 11 17.17 -31.96 5.50
N GLY B 12 17.79 -32.09 6.67
CA GLY B 12 19.11 -32.71 6.74
C GLY B 12 19.07 -34.09 7.39
N ASN B 13 20.20 -34.79 7.28
CA ASN B 13 20.36 -36.13 7.83
C ASN B 13 19.41 -37.16 7.23
N ILE B 14 19.20 -37.09 5.93
CA ILE B 14 18.24 -37.99 5.30
C ILE B 14 18.86 -39.38 5.16
N PRO B 15 18.04 -40.43 5.30
CA PRO B 15 18.55 -41.80 5.23
C PRO B 15 19.11 -42.15 3.86
N PHE B 16 20.09 -43.04 3.82
CA PHE B 16 20.70 -43.44 2.56
C PHE B 16 19.70 -44.08 1.60
N GLY B 17 19.78 -43.70 0.33
CA GLY B 17 18.98 -44.30 -0.72
C GLY B 17 17.52 -43.88 -0.83
N ILE B 18 17.10 -42.95 0.03
CA ILE B 18 15.72 -42.52 0.04
C ILE B 18 15.34 -41.87 -1.29
N THR B 19 14.09 -42.02 -1.70
CA THR B 19 13.62 -41.39 -2.93
C THR B 19 12.74 -40.18 -2.61
N GLU B 20 12.57 -39.33 -3.60
CA GLU B 20 11.85 -38.09 -3.42
C GLU B 20 10.38 -38.36 -3.15
N GLU B 21 9.86 -39.45 -3.71
CA GLU B 21 8.46 -39.79 -3.51
C GLU B 21 8.23 -40.35 -2.11
N ALA B 22 9.17 -41.17 -1.64
CA ALA B 22 9.11 -41.73 -0.30
C ALA B 22 9.16 -40.66 0.78
N MET B 23 9.92 -39.61 0.53
CA MET B 23 10.08 -38.52 1.48
C MET B 23 8.74 -37.81 1.56
N MET B 24 8.17 -37.63 0.38
CA MET B 24 6.91 -36.95 0.21
C MET B 24 5.80 -37.66 1.00
N ASP B 25 5.68 -38.97 0.78
CA ASP B 25 4.71 -39.79 1.52
C ASP B 25 4.89 -39.68 3.02
N PHE B 26 6.14 -39.78 3.48
CA PHE B 26 6.42 -39.65 4.91
C PHE B 26 5.92 -38.31 5.48
N PHE B 27 6.28 -37.19 4.85
CA PHE B 27 5.88 -35.89 5.43
C PHE B 27 4.36 -35.62 5.33
N ASN B 28 3.73 -36.00 4.21
CA ASN B 28 2.28 -35.94 4.11
C ASN B 28 1.58 -36.78 5.19
N ALA B 29 2.04 -37.99 5.40
CA ALA B 29 1.53 -38.84 6.48
C ALA B 29 1.69 -38.17 7.86
N GLN B 30 2.89 -37.65 8.15
CA GLN B 30 3.12 -36.94 9.40
C GLN B 30 2.19 -35.73 9.59
N MET B 31 2.03 -34.93 8.54
CA MET B 31 1.17 -33.74 8.60
C MET B 31 -0.25 -34.17 8.94
N ARG B 32 -0.72 -35.20 8.27
CA ARG B 32 -2.08 -35.67 8.51
C ARG B 32 -2.20 -36.26 9.92
N LEU B 33 -1.23 -37.10 10.29
CA LEU B 33 -1.22 -37.74 11.60
C LEU B 33 -1.26 -36.73 12.75
N GLY B 34 -0.50 -35.65 12.61
CA GLY B 34 -0.43 -34.62 13.63
C GLY B 34 -1.53 -33.60 13.51
N GLY B 35 -2.40 -33.77 12.51
CA GLY B 35 -3.48 -32.84 12.25
C GLY B 35 -3.01 -31.43 11.99
N LEU B 36 -1.91 -31.29 11.26
CA LEU B 36 -1.36 -29.97 10.97
C LEU B 36 -1.83 -29.40 9.62
N THR B 37 -2.66 -30.13 8.90
CA THR B 37 -3.16 -29.67 7.60
C THR B 37 -4.35 -28.71 7.73
N GLN B 38 -4.40 -27.72 6.83
CA GLN B 38 -5.47 -26.72 6.86
C GLN B 38 -6.55 -27.02 5.83
N ALA B 39 -6.39 -28.13 5.13
CA ALA B 39 -7.33 -28.49 4.06
C ALA B 39 -7.19 -29.97 3.77
N PRO B 40 -8.22 -30.56 3.14
CA PRO B 40 -8.02 -31.94 2.70
C PRO B 40 -6.87 -32.02 1.71
N GLY B 41 -6.33 -33.21 1.48
CA GLY B 41 -5.27 -33.40 0.51
C GLY B 41 -3.86 -33.37 1.09
N ASN B 42 -2.87 -33.27 0.20
CA ASN B 42 -1.46 -33.33 0.58
C ASN B 42 -0.77 -31.97 0.67
N PRO B 43 -0.20 -31.64 1.84
CA PRO B 43 0.51 -30.36 1.99
C PRO B 43 1.84 -30.29 1.20
N VAL B 44 2.55 -31.40 1.07
CA VAL B 44 3.85 -31.42 0.40
C VAL B 44 3.65 -31.66 -1.09
N LEU B 45 4.00 -30.67 -1.92
CA LEU B 45 3.82 -30.75 -3.37
C LEU B 45 4.96 -31.48 -4.09
N ALA B 46 6.18 -31.27 -3.60
CA ALA B 46 7.37 -31.82 -4.24
C ALA B 46 8.54 -31.91 -3.27
N VAL B 47 9.51 -32.75 -3.64
CA VAL B 47 10.76 -32.93 -2.90
C VAL B 47 11.95 -32.93 -3.87
N GLN B 48 12.99 -32.16 -3.56
CA GLN B 48 14.28 -32.27 -4.25
C GLN B 48 15.36 -32.79 -3.32
N ILE B 49 16.04 -33.86 -3.72
CA ILE B 49 17.04 -34.51 -2.89
C ILE B 49 18.44 -34.35 -3.48
N ASN B 50 19.39 -33.97 -2.65
CA ASN B 50 20.81 -34.10 -2.97
C ASN B 50 21.38 -35.30 -2.23
N GLN B 51 21.57 -36.39 -2.96
CA GLN B 51 22.02 -37.64 -2.34
C GLN B 51 23.45 -37.52 -1.80
N ASP B 52 24.33 -36.87 -2.56
CA ASP B 52 25.75 -36.77 -2.20
C ASP B 52 25.98 -36.02 -0.89
N LYS B 53 25.19 -34.97 -0.65
CA LYS B 53 25.38 -34.15 0.54
C LYS B 53 24.29 -34.42 1.58
N ASN B 54 23.48 -35.45 1.35
CA ASN B 54 22.57 -35.94 2.38
C ASN B 54 21.54 -34.87 2.85
N PHE B 55 20.96 -34.14 1.92
CA PHE B 55 19.88 -33.24 2.30
C PHE B 55 18.79 -33.15 1.24
N ALA B 56 17.66 -32.58 1.64
CA ALA B 56 16.55 -32.36 0.71
C ALA B 56 15.85 -31.05 0.99
N PHE B 57 15.07 -30.60 0.00
CA PHE B 57 14.13 -29.53 0.24
C PHE B 57 12.71 -30.04 0.00
N LEU B 58 11.79 -29.60 0.85
CA LEU B 58 10.38 -29.87 0.69
C LEU B 58 9.75 -28.61 0.16
N GLU B 59 8.77 -28.76 -0.72
CA GLU B 59 7.99 -27.63 -1.20
C GLU B 59 6.53 -27.86 -0.81
N PHE B 60 5.96 -26.90 -0.09
CA PHE B 60 4.61 -27.04 0.45
C PHE B 60 3.59 -26.27 -0.37
N ARG B 61 2.32 -26.66 -0.26
CA ARG B 61 1.23 -25.97 -0.95
C ARG B 61 0.85 -24.65 -0.29
N SER B 62 1.20 -24.46 0.97
CA SER B 62 0.86 -23.21 1.64
C SER B 62 1.91 -22.73 2.62
N VAL B 63 1.92 -21.41 2.85
CA VAL B 63 2.81 -20.76 3.80
C VAL B 63 2.58 -21.25 5.24
N ASP B 64 1.32 -21.41 5.62
CA ASP B 64 1.04 -21.82 7.00
C ASP B 64 1.41 -23.27 7.28
N GLU B 65 1.22 -24.15 6.30
CA GLU B 65 1.54 -25.56 6.54
C GLU B 65 3.06 -25.77 6.64
N THR B 66 3.82 -24.95 5.90
CA THR B 66 5.28 -24.93 5.97
C THR B 66 5.72 -24.58 7.38
N THR B 67 5.13 -23.53 7.91
CA THR B 67 5.44 -23.08 9.25
C THR B 67 5.12 -24.18 10.26
N GLN B 68 3.95 -24.81 10.12
CA GLN B 68 3.58 -25.94 10.98
C GLN B 68 4.59 -27.08 10.96
N ALA B 69 5.19 -27.29 9.80
CA ALA B 69 6.06 -28.45 9.60
C ALA B 69 7.43 -28.27 10.28
N MET B 70 7.74 -27.05 10.72
CA MET B 70 8.97 -26.82 11.48
C MET B 70 8.96 -27.64 12.78
N ALA B 71 7.75 -28.00 13.20
CA ALA B 71 7.53 -28.84 14.37
C ALA B 71 8.20 -30.20 14.23
N PHE B 72 8.47 -30.63 13.01
CA PHE B 72 9.05 -31.95 12.79
C PHE B 72 10.56 -32.03 12.97
N ASP B 73 11.21 -30.94 13.37
CA ASP B 73 12.63 -31.03 13.68
C ASP B 73 12.87 -32.19 14.65
N GLY B 74 13.76 -33.09 14.25
CA GLY B 74 14.13 -34.22 15.10
C GLY B 74 13.27 -35.47 14.89
N ILE B 75 12.29 -35.39 13.99
CA ILE B 75 11.41 -36.53 13.71
C ILE B 75 12.21 -37.72 13.16
N ILE B 76 11.76 -38.92 13.50
CA ILE B 76 12.44 -40.15 13.10
C ILE B 76 11.95 -40.64 11.76
N PHE B 77 12.88 -40.86 10.83
CA PHE B 77 12.56 -41.39 9.54
C PHE B 77 13.55 -42.50 9.21
N GLN B 78 13.05 -43.72 9.04
CA GLN B 78 13.88 -44.90 8.85
C GLN B 78 14.99 -44.94 9.87
N GLY B 79 14.64 -44.77 11.14
CA GLY B 79 15.59 -44.86 12.23
C GLY B 79 16.50 -43.66 12.46
N GLN B 80 16.34 -42.61 11.66
CA GLN B 80 17.21 -41.43 11.79
C GLN B 80 16.44 -40.15 12.14
N SER B 81 17.08 -39.26 12.90
CA SER B 81 16.48 -37.99 13.27
C SER B 81 16.72 -36.93 12.21
N LEU B 82 15.63 -36.43 11.65
CA LEU B 82 15.76 -35.43 10.61
C LEU B 82 16.04 -34.06 11.21
N LYS B 83 16.86 -33.30 10.51
CA LYS B 83 17.06 -31.89 10.81
C LYS B 83 16.21 -31.04 9.87
N ILE B 84 15.35 -30.21 10.45
CA ILE B 84 14.39 -29.40 9.70
C ILE B 84 14.72 -27.94 9.95
N ARG B 85 14.98 -27.16 8.90
CA ARG B 85 15.24 -25.72 9.06
C ARG B 85 14.59 -24.89 7.95
N ARG B 86 14.49 -23.58 8.18
CA ARG B 86 14.14 -22.66 7.11
C ARG B 86 15.22 -22.63 6.03
N PRO B 87 14.82 -22.35 4.78
CA PRO B 87 15.82 -22.03 3.75
C PRO B 87 16.64 -20.83 4.21
N HIS B 88 17.88 -20.73 3.77
CA HIS B 88 18.67 -19.58 4.14
C HIS B 88 18.12 -18.26 3.56
N VAL B 89 17.46 -18.32 2.40
CA VAL B 89 16.88 -17.10 1.82
C VAL B 89 15.48 -16.80 2.32
N TYR B 90 15.05 -17.48 3.38
CA TYR B 90 13.71 -17.27 3.93
C TYR B 90 13.56 -15.86 4.54
N GLN B 91 12.46 -15.19 4.22
CA GLN B 91 12.19 -13.88 4.78
C GLN B 91 11.11 -13.93 5.86
N PRO B 92 11.51 -13.76 7.13
CA PRO B 92 10.57 -13.70 8.26
C PRO B 92 9.65 -12.48 8.16
N LEU B 93 10.16 -11.34 7.69
CA LEU B 93 9.34 -10.17 7.41
C LEU B 93 9.30 -9.92 5.91
N PRO B 94 8.27 -10.46 5.24
CA PRO B 94 8.21 -10.36 3.79
C PRO B 94 8.03 -8.90 3.32
N GLY B 95 8.55 -8.58 2.14
CA GLY B 95 8.49 -7.23 1.63
C GLY B 95 9.48 -6.27 2.27
N ALA B 96 10.33 -6.76 3.16
CA ALA B 96 11.27 -5.90 3.85
C ALA B 96 12.27 -5.26 2.89
N HIS B 97 12.51 -5.90 1.76
CA HIS B 97 13.55 -5.45 0.85
C HIS B 97 12.99 -4.95 -0.48
N LYS B 98 11.67 -4.75 -0.50
CA LYS B 98 11.02 -4.01 -1.55
C LYS B 98 11.59 -2.60 -1.59
N LEU B 99 11.93 -2.14 -2.79
CA LEU B 99 12.46 -0.80 -3.00
C LEU B 99 11.44 0.15 -3.61
N PHE B 100 11.51 1.41 -3.21
CA PHE B 100 10.83 2.51 -3.89
C PHE B 100 11.86 3.22 -4.76
N ILE B 101 11.50 3.52 -6.00
CA ILE B 101 12.36 4.30 -6.90
C ILE B 101 11.62 5.51 -7.43
N GLY B 102 12.03 6.70 -6.97
CA GLY B 102 11.39 7.94 -7.38
C GLY B 102 12.34 8.83 -8.16
N GLY B 103 11.80 9.89 -8.76
CA GLY B 103 12.61 10.82 -9.53
C GLY B 103 12.97 10.30 -10.91
N LEU B 104 12.17 9.39 -11.43
CA LEU B 104 12.36 8.85 -12.77
C LEU B 104 11.86 9.85 -13.79
N PRO B 105 12.65 10.09 -14.85
CA PRO B 105 12.11 10.84 -16.00
C PRO B 105 10.82 10.18 -16.46
N ASN B 106 9.78 10.97 -16.69
CA ASN B 106 8.46 10.40 -16.90
C ASN B 106 8.22 9.83 -18.31
N TYR B 107 9.23 9.88 -19.16
CA TYR B 107 9.07 9.30 -20.49
C TYR B 107 9.62 7.86 -20.52
N LEU B 108 10.37 7.48 -19.50
CA LEU B 108 10.90 6.11 -19.46
C LEU B 108 9.79 5.08 -19.33
N ASN B 109 9.88 3.99 -20.09
CA ASN B 109 8.90 2.91 -19.93
C ASN B 109 9.44 1.81 -19.01
N ASP B 110 8.67 0.73 -18.83
CA ASP B 110 9.06 -0.38 -17.97
C ASP B 110 10.46 -0.91 -18.25
N ASP B 111 10.68 -1.33 -19.50
CA ASP B 111 11.92 -1.98 -19.92
C ASP B 111 13.13 -1.12 -19.64
N GLN B 112 12.99 0.17 -19.88
CA GLN B 112 14.06 1.12 -19.66
C GLN B 112 14.39 1.25 -18.17
N VAL B 113 13.36 1.35 -17.32
CA VAL B 113 13.61 1.46 -15.88
C VAL B 113 14.22 0.17 -15.34
N LYS B 114 13.74 -0.98 -15.79
CA LYS B 114 14.34 -2.25 -15.36
C LYS B 114 15.81 -2.37 -15.76
N GLU B 115 16.16 -1.85 -16.94
CA GLU B 115 17.53 -1.89 -17.42
C GLU B 115 18.45 -1.13 -16.46
N LEU B 116 17.92 -0.05 -15.89
CA LEU B 116 18.61 0.70 -14.85
C LEU B 116 18.80 -0.15 -13.60
N LEU B 117 17.79 -0.95 -13.28
CA LEU B 117 17.82 -1.75 -12.07
C LEU B 117 18.63 -3.03 -12.21
N THR B 118 18.50 -3.71 -13.34
CA THR B 118 19.09 -5.04 -13.46
C THR B 118 20.59 -4.99 -13.62
N SER B 119 21.18 -3.81 -13.64
CA SER B 119 22.63 -3.72 -13.64
C SER B 119 23.18 -4.27 -12.32
N PHE B 120 22.34 -4.35 -11.29
CA PHE B 120 22.76 -4.91 -10.01
C PHE B 120 22.36 -6.37 -9.79
N GLY B 121 21.58 -6.93 -10.70
CA GLY B 121 21.11 -8.29 -10.54
C GLY B 121 19.68 -8.43 -11.03
N PRO B 122 19.23 -9.68 -11.21
CA PRO B 122 17.86 -9.95 -11.66
C PRO B 122 16.80 -9.51 -10.64
N LEU B 123 15.64 -9.11 -11.15
CA LEU B 123 14.50 -8.75 -10.31
C LEU B 123 13.54 -9.93 -10.19
N LYS B 124 12.88 -10.06 -9.05
CA LYS B 124 11.76 -10.97 -8.98
C LYS B 124 10.43 -10.20 -9.11
N ALA B 125 10.45 -8.92 -8.77
CA ALA B 125 9.25 -8.11 -8.88
C ALA B 125 9.57 -6.71 -9.41
N PHE B 126 8.69 -6.17 -10.24
CA PHE B 126 8.81 -4.79 -10.69
C PHE B 126 7.47 -4.21 -11.13
N ASN B 127 7.27 -2.93 -10.86
CA ASN B 127 6.17 -2.22 -11.50
C ASN B 127 6.43 -0.72 -11.53
N LEU B 128 6.15 -0.13 -12.69
CA LEU B 128 6.23 1.30 -12.89
C LEU B 128 4.82 1.85 -12.73
N VAL B 129 4.64 2.81 -11.83
CA VAL B 129 3.32 3.33 -11.58
C VAL B 129 2.95 4.35 -12.67
N LYS B 130 1.79 4.14 -13.27
CA LYS B 130 1.27 5.01 -14.33
C LYS B 130 -0.12 5.54 -14.02
N ASP B 131 -0.42 6.71 -14.55
CA ASP B 131 -1.77 7.27 -14.53
C ASP B 131 -2.69 6.46 -15.44
N SER B 132 -3.71 5.85 -14.85
CA SER B 132 -4.58 4.91 -15.56
C SER B 132 -5.35 5.57 -16.71
N ALA B 133 -5.69 6.84 -16.55
CA ALA B 133 -6.40 7.58 -17.58
C ALA B 133 -5.54 7.68 -18.84
N THR B 134 -4.30 8.15 -18.66
CA THR B 134 -3.45 8.53 -19.77
C THR B 134 -2.35 7.50 -20.08
N GLY B 135 -2.10 6.59 -19.15
CA GLY B 135 -1.00 5.65 -19.29
C GLY B 135 0.35 6.33 -19.14
N LEU B 136 0.36 7.57 -18.68
CA LEU B 136 1.62 8.27 -18.47
C LEU B 136 2.27 7.90 -17.12
N SER B 137 3.57 7.65 -17.14
CA SER B 137 4.34 7.39 -15.94
C SER B 137 4.18 8.46 -14.86
N LYS B 138 3.95 8.03 -13.61
CA LYS B 138 3.88 8.98 -12.50
C LYS B 138 5.29 9.28 -12.00
N GLY B 139 6.28 8.58 -12.57
CA GLY B 139 7.66 8.90 -12.28
C GLY B 139 8.23 8.16 -11.08
N TYR B 140 7.50 7.15 -10.62
CA TYR B 140 8.08 6.27 -9.61
C TYR B 140 7.71 4.81 -9.83
N ALA B 141 8.57 3.95 -9.29
CA ALA B 141 8.48 2.51 -9.49
C ALA B 141 8.79 1.76 -8.19
N PHE B 142 8.48 0.47 -8.20
CA PHE B 142 8.78 -0.41 -7.10
C PHE B 142 9.47 -1.63 -7.64
N CYS B 143 10.38 -2.23 -6.86
CA CYS B 143 10.96 -3.48 -7.31
C CYS B 143 11.47 -4.31 -6.13
N GLU B 144 11.82 -5.55 -6.41
CA GLU B 144 12.48 -6.41 -5.43
C GLU B 144 13.43 -7.36 -6.15
N TYR B 145 14.68 -7.41 -5.71
CA TYR B 145 15.68 -8.27 -6.34
C TYR B 145 15.51 -9.74 -5.97
N VAL B 146 15.91 -10.63 -6.87
CA VAL B 146 15.97 -12.06 -6.56
C VAL B 146 16.84 -12.31 -5.33
N ASP B 147 18.05 -11.74 -5.33
CA ASP B 147 18.94 -11.89 -4.19
C ASP B 147 18.91 -10.65 -3.32
N ILE B 148 18.32 -10.79 -2.14
CA ILE B 148 18.08 -9.62 -1.31
C ILE B 148 19.36 -8.99 -0.80
N ASN B 149 20.47 -9.71 -0.91
CA ASN B 149 21.76 -9.17 -0.52
C ASN B 149 22.26 -8.06 -1.43
N VAL B 150 21.68 -7.90 -2.61
CA VAL B 150 22.15 -6.83 -3.51
C VAL B 150 21.36 -5.53 -3.31
N THR B 151 20.28 -5.62 -2.54
CA THR B 151 19.41 -4.48 -2.27
C THR B 151 20.18 -3.25 -1.83
N ASP B 152 21.06 -3.41 -0.84
CA ASP B 152 21.76 -2.26 -0.29
C ASP B 152 22.83 -1.72 -1.24
N GLN B 153 23.35 -2.57 -2.10
CA GLN B 153 24.29 -2.13 -3.13
C GLN B 153 23.55 -1.38 -4.22
N ALA B 154 22.35 -1.85 -4.55
CA ALA B 154 21.53 -1.12 -5.50
C ALA B 154 21.18 0.27 -4.97
N ILE B 155 20.84 0.36 -3.69
CA ILE B 155 20.54 1.65 -3.10
C ILE B 155 21.78 2.55 -3.15
N ALA B 156 22.93 1.97 -2.80
CA ALA B 156 24.18 2.75 -2.77
C ALA B 156 24.53 3.26 -4.17
N GLY B 157 24.43 2.38 -5.16
CA GLY B 157 24.69 2.76 -6.54
C GLY B 157 23.67 3.72 -7.15
N LEU B 158 22.40 3.58 -6.80
CA LEU B 158 21.37 4.33 -7.51
C LEU B 158 20.79 5.56 -6.79
N ASN B 159 20.72 5.53 -5.46
CA ASN B 159 20.17 6.68 -4.75
C ASN B 159 21.00 7.93 -5.01
N GLY B 160 20.33 9.01 -5.40
CA GLY B 160 21.02 10.27 -5.66
C GLY B 160 21.54 10.41 -7.09
N MET B 161 21.56 9.31 -7.85
CA MET B 161 22.06 9.34 -9.22
C MET B 161 21.36 10.40 -10.08
N GLN B 162 22.14 11.28 -10.66
CA GLN B 162 21.63 12.26 -11.62
C GLN B 162 21.19 11.55 -12.89
N LEU B 163 19.94 11.78 -13.29
CA LEU B 163 19.38 11.13 -14.46
C LEU B 163 18.71 12.18 -15.36
N GLY B 164 19.47 12.72 -16.30
CA GLY B 164 19.00 13.84 -17.08
C GLY B 164 18.89 15.03 -16.16
N ASP B 165 17.72 15.66 -16.13
CA ASP B 165 17.50 16.78 -15.24
C ASP B 165 16.85 16.31 -13.95
N LYS B 166 16.87 14.99 -13.75
CA LYS B 166 16.23 14.38 -12.58
C LYS B 166 17.26 13.80 -11.61
N LYS B 167 16.86 13.68 -10.36
CA LYS B 167 17.71 13.05 -9.35
C LYS B 167 16.94 11.91 -8.67
N LEU B 168 17.39 10.67 -8.87
CA LEU B 168 16.75 9.48 -8.29
C LEU B 168 16.72 9.43 -6.76
N LEU B 169 15.59 8.97 -6.23
CA LEU B 169 15.48 8.61 -4.83
C LEU B 169 15.27 7.10 -4.78
N VAL B 170 16.22 6.37 -4.20
CA VAL B 170 16.06 4.94 -4.07
C VAL B 170 16.19 4.57 -2.60
N GLN B 171 15.14 3.93 -2.07
CA GLN B 171 15.09 3.55 -0.68
C GLN B 171 14.20 2.33 -0.50
N ARG B 172 14.34 1.66 0.63
CA ARG B 172 13.36 0.65 1.02
C ARG B 172 11.96 1.30 1.10
N ALA B 173 11.00 0.65 0.47
CA ALA B 173 9.65 1.19 0.35
C ALA B 173 8.95 1.15 1.70
N SER B 174 9.45 0.24 2.55
CA SER B 174 9.00 -0.04 3.91
C SER B 174 7.79 -0.95 3.90
#